data_2O2U
#
_entry.id   2O2U
#
_cell.length_a   52.321
_cell.length_b   71.376
_cell.length_c   107.570
_cell.angle_alpha   90.00
_cell.angle_beta   90.00
_cell.angle_gamma   90.00
#
_symmetry.space_group_name_H-M   'P 21 21 21'
#
loop_
_entity.id
_entity.type
_entity.pdbx_description
1 polymer 'Mitogen-activated protein kinase 10'
2 non-polymer N-(3-cyano-4,5,6,7-tetrahydro-1-benzothien-2-yl)-2-fluorobenzamide
3 water water
#
_entity_poly.entity_id   1
_entity_poly.type   'polypeptide(L)'
_entity_poly.pdbx_seq_one_letter_code
;MSKSKVDNQFYSVEVGDSTFTVLKRYQNLKPIGSGAQGIVCAAYDAVLDRNVAIKKLSRPFQNQTHAKRAYRELVLMKCV
NHKNIISLLNVFTPQKTLEEFQDVYLVMELMDANLCQVIQMELDHERMSYLLYQMLCGIKHLHSAGIIHRDLKPSNIVVK
SDCTLKILDFGLARTAGTSFMMTPYVVTRYYRAPEVILGMGYKENVDIWSVGCIMGEMVRHKILFPGRDYIDQWNKVIEQ
LGTPCPEFMKKLQPTVRNYVENRPKYAGLTFPKLFPDSLFPADSEHNKLKASQARDLLSKMLVIDPAKRISVDDALQHPY
INVWYDPAEVEAPPPQIYDKQLDEREHTIEEWKELIYKEVMNSE
;
_entity_poly.pdbx_strand_id   A
#
loop_
_chem_comp.id
_chem_comp.type
_chem_comp.name
_chem_comp.formula
738 non-polymer N-(3-cyano-4,5,6,7-tetrahydro-1-benzothien-2-yl)-2-fluorobenzamide 'C16 H13 F N2 O S'
#
# COMPACT_ATOMS: atom_id res chain seq x y z
N ASN A 8 25.63 -4.55 28.81
CA ASN A 8 24.48 -4.87 27.91
C ASN A 8 23.80 -3.61 27.38
N GLN A 9 23.72 -3.50 26.06
CA GLN A 9 23.09 -2.34 25.40
C GLN A 9 21.60 -2.54 25.14
N PHE A 10 21.12 -3.75 25.39
CA PHE A 10 19.74 -4.14 25.12
C PHE A 10 18.98 -4.52 26.39
N TYR A 11 17.67 -4.72 26.25
CA TYR A 11 16.85 -5.30 27.30
C TYR A 11 15.66 -5.96 26.61
N SER A 12 14.96 -6.81 27.35
CA SER A 12 13.86 -7.56 26.79
C SER A 12 12.56 -7.26 27.51
N VAL A 13 11.46 -7.30 26.77
CA VAL A 13 10.13 -7.08 27.34
C VAL A 13 9.07 -7.77 26.49
N GLU A 14 8.07 -8.34 27.15
CA GLU A 14 6.99 -9.07 26.51
C GLU A 14 5.86 -8.14 26.08
N VAL A 15 5.34 -8.38 24.88
CA VAL A 15 4.20 -7.61 24.37
C VAL A 15 3.11 -8.56 23.86
N GLY A 16 2.93 -9.67 24.58
CA GLY A 16 1.95 -10.69 24.23
C GLY A 16 2.58 -11.87 23.51
N ASP A 17 3.44 -12.60 24.22
CA ASP A 17 4.18 -13.78 23.69
C ASP A 17 5.30 -13.41 22.71
N SER A 18 5.32 -12.13 22.32
CA SER A 18 6.38 -11.59 21.50
C SER A 18 7.37 -10.91 22.44
N THR A 19 8.61 -11.39 22.43
CA THR A 19 9.65 -10.77 23.22
C THR A 19 10.30 -9.74 22.34
N PHE A 20 10.28 -8.48 22.75
CA PHE A 20 10.99 -7.42 22.01
C PHE A 20 12.30 -7.12 22.74
N THR A 21 13.42 -7.56 22.19
CA THR A 21 14.69 -7.24 22.84
C THR A 21 15.23 -6.05 22.10
N VAL A 22 15.24 -4.89 22.75
CA VAL A 22 15.63 -3.68 22.03
C VAL A 22 16.69 -2.85 22.75
N LEU A 23 17.33 -1.97 21.98
CA LEU A 23 18.29 -1.02 22.51
C LEU A 23 17.66 -0.23 23.63
N LYS A 24 18.46 0.07 24.65
CA LYS A 24 17.99 0.75 25.84
C LYS A 24 17.41 2.16 25.59
N ARG A 25 17.77 2.77 24.47
CA ARG A 25 17.31 4.11 24.08
C ARG A 25 15.80 4.16 23.88
N TYR A 26 15.26 3.05 23.38
CA TYR A 26 13.83 2.92 23.12
C TYR A 26 13.09 2.51 24.39
N GLN A 27 12.18 3.38 24.85
CA GLN A 27 11.46 3.23 26.12
C GLN A 27 9.95 3.18 26.00
N ASN A 28 9.32 2.50 26.96
CA ASN A 28 7.87 2.44 27.10
C ASN A 28 7.20 1.91 25.84
N LEU A 29 7.48 0.65 25.53
CA LEU A 29 6.88 -0.02 24.38
C LEU A 29 5.39 -0.24 24.55
N LYS A 30 4.67 -0.12 23.44
CA LYS A 30 3.24 -0.30 23.40
C LYS A 30 2.90 -0.76 21.97
N PRO A 31 2.07 -1.82 21.83
CA PRO A 31 1.71 -2.32 20.51
C PRO A 31 0.81 -1.35 19.78
N ILE A 32 0.93 -1.34 18.46
CA ILE A 32 0.13 -0.47 17.59
C ILE A 32 -0.30 -1.15 16.30
N GLY A 33 0.29 -2.29 15.96
CA GLY A 33 -0.19 -3.00 14.78
C GLY A 33 0.37 -4.38 14.48
N SER A 34 -0.44 -5.18 13.77
CA SER A 34 -0.01 -6.46 13.18
C SER A 34 -0.90 -6.91 11.99
N GLY A 35 -0.44 -6.55 10.79
CA GLY A 35 -1.07 -7.00 9.54
C GLY A 35 -0.33 -8.22 9.02
N GLY A 38 6.37 -8.77 11.01
CA GLY A 38 5.22 -9.13 11.86
C GLY A 38 4.72 -8.12 12.90
N ILE A 39 5.44 -8.03 14.02
CA ILE A 39 4.98 -7.26 15.19
C ILE A 39 5.54 -5.84 15.23
N VAL A 40 4.70 -4.87 15.60
CA VAL A 40 5.12 -3.46 15.56
C VAL A 40 4.80 -2.76 16.88
N CYS A 41 5.73 -1.94 17.36
CA CYS A 41 5.53 -1.18 18.60
C CYS A 41 5.78 0.30 18.46
N ALA A 42 5.06 1.06 19.27
CA ALA A 42 5.38 2.46 19.52
C ALA A 42 6.34 2.48 20.71
N ALA A 43 7.23 3.46 20.70
CA ALA A 43 8.16 3.65 21.80
C ALA A 43 8.63 5.08 21.83
N TYR A 44 9.13 5.48 23.01
CA TYR A 44 9.86 6.74 23.17
C TYR A 44 11.33 6.45 22.92
N ASP A 45 11.99 7.29 22.14
CA ASP A 45 13.39 7.12 21.88
C ASP A 45 14.22 8.18 22.62
N ALA A 46 14.79 7.79 23.74
CA ALA A 46 15.52 8.70 24.62
C ALA A 46 16.56 9.57 23.92
N VAL A 47 17.22 9.05 22.90
CA VAL A 47 18.31 9.79 22.26
C VAL A 47 17.80 10.90 21.37
N LEU A 48 16.69 10.63 20.68
CA LEU A 48 16.09 11.59 19.75
C LEU A 48 14.99 12.45 20.38
N ASP A 49 14.60 12.09 21.60
CA ASP A 49 13.54 12.80 22.31
C ASP A 49 12.33 12.96 21.38
N ARG A 50 11.91 11.84 20.80
CA ARG A 50 10.68 11.80 20.04
C ARG A 50 10.15 10.36 19.95
N ASN A 51 8.96 10.19 19.40
CA ASN A 51 8.37 8.87 19.31
C ASN A 51 8.68 8.15 18.01
N VAL A 52 8.88 6.84 18.14
CA VAL A 52 9.22 5.97 17.03
C VAL A 52 8.32 4.75 17.01
N ALA A 53 8.27 4.10 15.84
CA ALA A 53 7.61 2.82 15.71
C ALA A 53 8.71 1.82 15.51
N ILE A 54 8.53 0.64 16.12
CA ILE A 54 9.50 -0.47 16.00
C ILE A 54 8.81 -1.72 15.56
N LYS A 55 9.30 -2.28 14.46
CA LYS A 55 8.84 -3.53 13.94
C LYS A 55 9.97 -4.53 14.04
N LYS A 56 9.58 -5.70 14.54
CA LYS A 56 10.46 -6.85 14.71
C LYS A 56 10.16 -7.89 13.65
N LEU A 57 11.15 -8.21 12.82
CA LEU A 57 11.04 -9.37 11.94
C LEU A 57 11.49 -10.68 12.68
N SER A 58 10.58 -11.61 12.88
CA SER A 58 10.96 -12.90 13.48
C SER A 58 11.61 -13.83 12.46
N ARG A 59 12.87 -14.20 12.70
CA ARG A 59 13.62 -15.12 11.82
C ARG A 59 13.21 -14.94 10.35
N PRO A 60 13.42 -13.71 9.83
CA PRO A 60 12.89 -13.30 8.53
C PRO A 60 13.46 -14.14 7.39
N PHE A 61 14.35 -15.06 7.75
CA PHE A 61 15.01 -15.92 6.79
C PHE A 61 14.51 -17.37 6.91
N GLN A 62 13.30 -17.54 7.43
CA GLN A 62 12.73 -18.88 7.59
C GLN A 62 12.34 -19.57 6.27
N ASN A 63 12.35 -18.83 5.16
CA ASN A 63 12.09 -19.36 3.80
C ASN A 63 12.38 -18.32 2.72
N GLN A 64 12.45 -18.76 1.47
CA GLN A 64 12.67 -17.88 0.32
C GLN A 64 11.76 -16.65 0.29
N THR A 65 10.47 -16.85 0.55
CA THR A 65 9.47 -15.77 0.54
C THR A 65 9.83 -14.63 1.51
N HIS A 66 9.70 -14.89 2.81
CA HIS A 66 10.09 -13.97 3.88
C HIS A 66 11.44 -13.29 3.64
N ALA A 67 12.45 -14.09 3.33
CA ALA A 67 13.80 -13.61 3.20
C ALA A 67 14.03 -12.71 2.01
N LYS A 68 13.37 -13.00 0.89
CA LYS A 68 13.51 -12.20 -0.32
C LYS A 68 12.92 -10.79 -0.10
N ARG A 69 11.70 -10.74 0.45
CA ARG A 69 11.05 -9.48 0.84
C ARG A 69 11.80 -8.72 1.96
N ALA A 70 12.14 -9.40 3.06
CA ALA A 70 12.86 -8.74 4.14
C ALA A 70 14.13 -8.06 3.60
N TYR A 71 14.88 -8.78 2.76
CA TYR A 71 16.13 -8.29 2.22
C TYR A 71 15.92 -7.08 1.32
N ARG A 72 15.07 -7.25 0.30
CA ARG A 72 14.69 -6.17 -0.60
C ARG A 72 14.17 -4.93 0.13
N GLU A 73 13.33 -5.13 1.14
CA GLU A 73 12.74 -3.98 1.84
C GLU A 73 13.74 -3.35 2.76
N LEU A 74 14.69 -4.16 3.21
CA LEU A 74 15.74 -3.64 4.05
C LEU A 74 16.63 -2.72 3.21
N VAL A 75 17.05 -3.19 2.04
CA VAL A 75 17.91 -2.42 1.15
C VAL A 75 17.26 -1.11 0.73
N LEU A 76 16.14 -1.20 0.01
CA LEU A 76 15.40 -0.04 -0.50
C LEU A 76 15.05 1.04 0.54
N MET A 77 14.47 0.63 1.68
CA MET A 77 14.05 1.57 2.72
C MET A 77 15.14 2.54 3.12
N LYS A 78 16.37 2.03 3.10
CA LYS A 78 17.58 2.82 3.33
C LYS A 78 17.91 3.62 2.06
N CYS A 79 17.84 2.93 0.92
CA CYS A 79 18.22 3.43 -0.41
C CYS A 79 17.30 4.50 -1.03
N VAL A 80 15.99 4.44 -0.75
CA VAL A 80 14.99 5.38 -1.28
C VAL A 80 14.69 6.55 -0.32
N ASN A 81 14.56 7.74 -0.87
CA ASN A 81 14.38 8.93 -0.03
C ASN A 81 13.29 9.89 -0.50
N HIS A 82 12.12 9.79 0.13
CA HIS A 82 10.97 10.65 -0.20
C HIS A 82 10.05 10.80 1.01
N LYS A 83 9.46 11.99 1.19
CA LYS A 83 8.60 12.25 2.39
C LYS A 83 7.38 11.33 2.49
N ASN A 84 6.92 10.82 1.35
CA ASN A 84 5.74 9.97 1.30
C ASN A 84 6.04 8.44 1.29
N ILE A 85 7.26 8.08 1.67
CA ILE A 85 7.72 6.71 1.65
C ILE A 85 8.48 6.52 2.95
N ILE A 86 8.20 5.44 3.68
CA ILE A 86 8.89 5.19 4.95
C ILE A 86 10.38 5.39 4.76
N SER A 87 11.05 5.86 5.81
CA SER A 87 12.47 5.63 5.92
C SER A 87 12.77 5.28 7.34
N LEU A 88 13.87 4.53 7.46
CA LEU A 88 14.41 4.05 8.70
C LEU A 88 15.26 5.07 9.41
N LEU A 89 15.07 5.18 10.73
CA LEU A 89 15.94 5.94 11.58
C LEU A 89 17.03 5.02 12.13
N ASN A 90 16.81 3.72 12.00
CA ASN A 90 17.70 2.74 12.60
C ASN A 90 17.31 1.29 12.28
N VAL A 91 18.32 0.40 12.27
CA VAL A 91 18.14 -1.05 12.12
C VAL A 91 19.09 -1.77 13.05
N PHE A 92 18.62 -2.77 13.78
CA PHE A 92 19.50 -3.52 14.68
C PHE A 92 19.03 -4.95 14.92
N THR A 93 19.98 -5.79 15.32
CA THR A 93 19.71 -7.14 15.82
C THR A 93 20.41 -7.19 17.15
N PRO A 94 19.77 -7.79 18.18
CA PRO A 94 20.42 -7.94 19.47
C PRO A 94 21.53 -8.99 19.41
N GLN A 95 21.27 -10.12 18.79
CA GLN A 95 22.26 -11.18 18.58
C GLN A 95 23.59 -10.65 18.01
N LYS A 96 24.67 -11.19 18.53
CA LYS A 96 26.00 -10.60 18.32
C LYS A 96 26.74 -11.23 17.16
N THR A 97 26.42 -12.48 16.87
CA THR A 97 27.15 -13.26 15.87
C THR A 97 26.25 -13.53 14.67
N LEU A 98 26.81 -14.14 13.63
CA LEU A 98 26.01 -14.58 12.50
C LEU A 98 25.30 -15.88 12.88
N GLU A 99 25.94 -16.66 13.74
CA GLU A 99 25.40 -17.94 14.17
C GLU A 99 24.13 -17.74 14.99
N GLU A 100 24.21 -16.86 15.98
CA GLU A 100 23.09 -16.62 16.89
C GLU A 100 22.00 -15.73 16.28
N PHE A 101 22.36 -15.03 15.21
CA PHE A 101 21.49 -14.10 14.51
C PHE A 101 20.09 -14.69 14.32
N GLN A 102 19.08 -13.98 14.84
CA GLN A 102 17.69 -14.44 14.82
C GLN A 102 16.68 -13.38 14.34
N ASP A 103 16.84 -12.14 14.78
CA ASP A 103 15.80 -11.12 14.61
C ASP A 103 16.34 -9.79 14.11
N VAL A 104 15.50 -9.08 13.36
CA VAL A 104 15.86 -7.76 12.88
C VAL A 104 14.80 -6.78 13.37
N TYR A 105 15.22 -5.64 13.86
CA TYR A 105 14.29 -4.59 14.29
C TYR A 105 14.49 -3.36 13.42
N LEU A 106 13.38 -2.86 12.90
CA LEU A 106 13.34 -1.70 12.02
C LEU A 106 12.65 -0.58 12.79
N VAL A 107 13.27 0.60 12.74
CA VAL A 107 12.79 1.77 13.47
C VAL A 107 12.43 2.91 12.52
N MET A 108 11.22 3.44 12.68
CA MET A 108 10.78 4.56 11.88
C MET A 108 10.10 5.66 12.70
N GLU A 109 9.98 6.86 12.13
CA GLU A 109 9.21 7.94 12.76
C GLU A 109 7.81 7.43 13.03
N LEU A 110 7.27 7.75 14.20
CA LEU A 110 5.97 7.24 14.60
C LEU A 110 4.82 7.97 13.94
N MET A 111 4.01 7.19 13.23
CA MET A 111 2.74 7.62 12.64
C MET A 111 1.54 7.20 13.55
N ASP A 112 0.36 7.78 13.31
CA ASP A 112 -0.71 7.71 14.28
C ASP A 112 -1.81 6.76 13.93
N ALA A 113 -1.94 6.49 12.64
CA ALA A 113 -3.02 5.64 12.15
C ALA A 113 -2.73 5.00 10.79
N ASN A 114 -3.49 3.93 10.57
CA ASN A 114 -3.54 3.21 9.30
C ASN A 114 -4.54 3.85 8.34
N LEU A 115 -4.45 3.50 7.06
CA LEU A 115 -5.46 4.03 6.13
C LEU A 115 -6.84 3.36 6.33
N CYS A 116 -6.88 2.08 6.71
CA CYS A 116 -8.17 1.47 7.09
C CYS A 116 -8.98 2.39 7.99
N GLN A 117 -8.31 3.04 8.92
CA GLN A 117 -8.96 3.86 9.93
C GLN A 117 -9.51 5.13 9.37
N VAL A 118 -8.77 5.76 8.45
CA VAL A 118 -9.17 6.98 7.79
C VAL A 118 -10.39 6.78 6.87
N ILE A 119 -10.39 5.68 6.09
CA ILE A 119 -11.52 5.30 5.22
C ILE A 119 -12.87 5.14 6.00
N GLN A 120 -12.81 4.82 7.29
CA GLN A 120 -14.03 4.71 8.09
C GLN A 120 -14.71 6.06 8.38
N MET A 121 -13.95 7.14 8.28
CA MET A 121 -14.44 8.49 8.54
C MET A 121 -15.21 9.06 7.36
N GLU A 122 -16.12 9.98 7.67
CA GLU A 122 -16.58 10.89 6.66
C GLU A 122 -15.39 11.79 6.48
N LEU A 123 -14.99 11.99 5.25
CA LEU A 123 -13.94 12.96 5.02
C LEU A 123 -14.33 13.97 3.94
N ASP A 124 -13.79 15.17 4.08
CA ASP A 124 -14.04 16.20 3.12
C ASP A 124 -13.20 15.91 1.91
N HIS A 125 -13.34 16.76 0.91
CA HIS A 125 -12.59 16.65 -0.32
C HIS A 125 -11.18 17.16 -0.09
N GLU A 126 -11.08 18.11 0.82
CA GLU A 126 -9.82 18.74 1.18
C GLU A 126 -8.80 17.72 1.73
N ARG A 127 -9.26 16.84 2.60
CA ARG A 127 -8.38 15.83 3.17
C ARG A 127 -8.30 14.57 2.31
N MET A 128 -9.40 14.16 1.72
CA MET A 128 -9.32 13.04 0.82
C MET A 128 -8.37 13.34 -0.36
N SER A 129 -8.46 14.54 -0.94
CA SER A 129 -7.63 14.86 -2.11
C SER A 129 -6.16 15.06 -1.76
N TYR A 130 -5.87 15.52 -0.55
CA TYR A 130 -4.50 15.67 -0.10
C TYR A 130 -3.90 14.30 0.18
N LEU A 131 -4.69 13.37 0.68
CA LEU A 131 -4.22 12.02 0.88
C LEU A 131 -3.93 11.34 -0.47
N LEU A 132 -4.82 11.51 -1.45
CA LEU A 132 -4.61 10.93 -2.76
C LEU A 132 -3.39 11.58 -3.45
N TYR A 133 -3.27 12.89 -3.34
CA TYR A 133 -2.14 13.60 -3.88
C TYR A 133 -0.84 12.99 -3.36
N GLN A 134 -0.81 12.73 -2.06
CA GLN A 134 0.38 12.17 -1.44
C GLN A 134 0.67 10.71 -1.85
N MET A 135 -0.34 9.95 -2.26
CA MET A 135 -0.05 8.59 -2.67
C MET A 135 0.55 8.64 -4.04
N LEU A 136 0.04 9.56 -4.86
CA LEU A 136 0.50 9.67 -6.24
C LEU A 136 1.95 10.13 -6.23
N CYS A 137 2.29 11.12 -5.40
CA CYS A 137 3.67 11.58 -5.29
C CYS A 137 4.63 10.45 -4.96
N GLY A 138 4.30 9.70 -3.90
CA GLY A 138 5.14 8.58 -3.49
C GLY A 138 5.22 7.53 -4.59
N ILE A 139 4.06 7.15 -5.12
CA ILE A 139 3.99 6.17 -6.18
C ILE A 139 4.81 6.68 -7.34
N LYS A 140 4.62 7.97 -7.66
CA LYS A 140 5.45 8.63 -8.67
C LYS A 140 6.91 8.40 -8.36
N HIS A 141 7.33 8.76 -7.16
CA HIS A 141 8.74 8.63 -6.78
C HIS A 141 9.33 7.21 -7.00
N LEU A 142 8.68 6.20 -6.41
CA LEU A 142 9.04 4.78 -6.59
C LEU A 142 9.22 4.39 -8.06
N HIS A 143 8.31 4.87 -8.92
CA HIS A 143 8.38 4.56 -10.35
C HIS A 143 9.63 5.13 -10.97
N SER A 144 9.98 6.34 -10.56
CA SER A 144 11.14 7.05 -11.10
C SER A 144 12.41 6.32 -10.62
N ALA A 145 12.22 5.42 -9.65
CA ALA A 145 13.34 4.70 -9.10
C ALA A 145 13.37 3.27 -9.59
N GLY A 146 12.50 2.93 -10.54
CA GLY A 146 12.44 1.57 -11.01
C GLY A 146 11.59 0.68 -10.11
N ILE A 147 10.79 1.27 -9.22
CA ILE A 147 9.89 0.44 -8.37
C ILE A 147 8.46 0.64 -8.75
N ILE A 148 7.90 -0.35 -9.45
CA ILE A 148 6.44 -0.43 -9.63
C ILE A 148 5.93 -1.30 -8.50
N HIS A 149 5.14 -0.70 -7.60
CA HIS A 149 4.70 -1.35 -6.35
C HIS A 149 3.82 -2.57 -6.58
N ARG A 150 2.69 -2.35 -7.24
CA ARG A 150 1.65 -3.32 -7.58
C ARG A 150 0.93 -3.99 -6.43
N ASP A 151 1.14 -3.51 -5.21
CA ASP A 151 0.40 -4.06 -4.09
C ASP A 151 0.02 -3.04 -3.01
N LEU A 152 -0.48 -1.89 -3.45
CA LEU A 152 -0.98 -0.88 -2.53
C LEU A 152 -2.30 -1.25 -1.84
N LYS A 153 -2.33 -1.08 -0.53
CA LYS A 153 -3.53 -1.29 0.20
C LYS A 153 -3.51 -0.33 1.39
N PRO A 154 -4.69 -0.13 2.04
CA PRO A 154 -4.80 0.80 3.15
C PRO A 154 -3.99 0.38 4.38
N SER A 155 -3.74 -0.91 4.51
CA SER A 155 -3.00 -1.39 5.67
C SER A 155 -1.49 -1.15 5.58
N ASN A 156 -0.92 -1.13 4.38
CA ASN A 156 0.51 -0.74 4.23
C ASN A 156 0.72 0.72 3.93
N ILE A 157 -0.28 1.55 4.30
CA ILE A 157 -0.18 3.00 4.17
C ILE A 157 -0.56 3.66 5.50
N VAL A 158 0.35 4.49 6.03
CA VAL A 158 0.14 5.17 7.31
C VAL A 158 -0.02 6.67 7.21
N VAL A 159 -0.61 7.20 8.29
CA VAL A 159 -1.04 8.58 8.34
C VAL A 159 -0.73 9.26 9.69
N LYS A 160 -0.26 10.52 9.63
CA LYS A 160 -0.16 11.35 10.85
C LYS A 160 -1.39 12.22 11.03
N SER A 161 -1.57 12.77 12.23
CA SER A 161 -2.77 13.55 12.54
C SER A 161 -2.94 14.74 11.63
N ASP A 162 -1.82 15.35 11.23
CA ASP A 162 -1.82 16.50 10.32
C ASP A 162 -2.00 16.07 8.89
N CYS A 163 -2.50 14.85 8.69
CA CYS A 163 -2.78 14.25 7.37
C CYS A 163 -1.59 13.96 6.40
N THR A 164 -0.37 13.96 6.92
CA THR A 164 0.80 13.53 6.13
C THR A 164 0.77 12.01 6.09
N LEU A 165 1.16 11.47 4.95
CA LEU A 165 0.97 10.07 4.61
C LEU A 165 2.24 9.40 4.13
N LYS A 166 2.46 8.16 4.56
CA LYS A 166 3.60 7.42 4.04
C LYS A 166 3.26 5.99 3.66
N ILE A 167 3.81 5.58 2.52
CA ILE A 167 3.72 4.20 2.09
C ILE A 167 4.73 3.40 2.90
N LEU A 168 4.32 2.23 3.36
CA LEU A 168 5.09 1.42 4.31
C LEU A 168 5.96 0.33 3.72
N ASP A 169 5.70 -0.08 2.48
CA ASP A 169 6.42 -1.25 1.94
C ASP A 169 6.64 -1.04 0.47
N PHE A 170 7.33 -1.97 -0.18
CA PHE A 170 7.81 -1.73 -1.56
C PHE A 170 7.24 -2.65 -2.61
N GLY A 171 6.22 -3.42 -2.24
CA GLY A 171 5.44 -4.17 -3.22
C GLY A 171 5.96 -5.56 -3.47
N LEU A 172 5.53 -6.12 -4.60
CA LEU A 172 5.93 -7.44 -5.06
C LEU A 172 7.19 -7.26 -5.93
N ALA A 173 7.98 -8.31 -6.14
CA ALA A 173 9.20 -8.20 -6.97
C ALA A 173 9.29 -9.20 -8.12
N VAL A 187 -3.70 -13.00 2.84
CA VAL A 187 -3.27 -11.87 2.00
C VAL A 187 -4.46 -11.13 1.37
N THR A 188 -4.56 -9.84 1.65
CA THR A 188 -5.58 -8.93 1.07
C THR A 188 -5.35 -8.65 -0.44
N ARG A 189 -6.25 -9.15 -1.28
CA ARG A 189 -6.06 -9.02 -2.74
C ARG A 189 -6.94 -7.98 -3.46
N TYR A 190 -7.81 -7.29 -2.73
CA TYR A 190 -8.84 -6.44 -3.33
C TYR A 190 -8.37 -5.24 -4.14
N TYR A 191 -7.14 -4.80 -3.91
CA TYR A 191 -6.66 -3.57 -4.50
C TYR A 191 -5.75 -3.83 -5.67
N ARG A 192 -5.61 -5.10 -6.01
CA ARG A 192 -4.72 -5.48 -7.09
C ARG A 192 -5.37 -5.23 -8.44
N ALA A 193 -4.58 -4.72 -9.38
CA ALA A 193 -5.05 -4.42 -10.74
C ALA A 193 -5.50 -5.66 -11.53
N PRO A 194 -6.41 -5.48 -12.51
CA PRO A 194 -6.79 -6.57 -13.42
C PRO A 194 -5.60 -7.34 -13.98
N GLU A 195 -4.54 -6.62 -14.35
CA GLU A 195 -3.35 -7.24 -14.92
C GLU A 195 -2.58 -8.09 -13.92
N VAL A 196 -2.78 -7.83 -12.64
CA VAL A 196 -2.21 -8.65 -11.59
C VAL A 196 -3.14 -9.84 -11.29
N ILE A 197 -4.45 -9.56 -11.17
CA ILE A 197 -5.47 -10.58 -10.93
C ILE A 197 -5.46 -11.63 -12.05
N LEU A 198 -5.06 -11.19 -13.24
CA LEU A 198 -5.02 -12.06 -14.41
C LEU A 198 -3.59 -12.39 -14.81
N GLY A 199 -2.62 -11.73 -14.16
CA GLY A 199 -1.21 -11.91 -14.44
C GLY A 199 -0.91 -11.69 -15.91
N MET A 200 -0.69 -10.44 -16.32
CA MET A 200 -0.50 -10.20 -17.74
C MET A 200 0.57 -9.20 -18.15
N GLY A 201 1.45 -8.82 -17.24
CA GLY A 201 2.49 -7.85 -17.61
C GLY A 201 1.89 -6.46 -17.48
N TYR A 202 2.64 -5.56 -16.86
CA TYR A 202 2.08 -4.31 -16.43
C TYR A 202 3.01 -3.13 -16.68
N LYS A 203 2.45 -1.93 -16.60
CA LYS A 203 3.19 -0.69 -16.65
C LYS A 203 3.08 -0.05 -15.29
N GLU A 204 3.70 1.13 -15.17
CA GLU A 204 3.59 1.99 -14.00
C GLU A 204 2.14 2.19 -13.51
N ASN A 205 1.18 2.36 -14.42
CA ASN A 205 -0.19 2.67 -14.04
C ASN A 205 -0.98 1.47 -13.54
N VAL A 206 -0.27 0.42 -13.15
CA VAL A 206 -0.85 -0.70 -12.44
C VAL A 206 -1.17 -0.23 -11.03
N ASP A 207 -0.38 0.75 -10.55
CA ASP A 207 -0.51 1.30 -9.20
C ASP A 207 -1.71 2.25 -9.09
N ILE A 208 -2.08 2.82 -10.22
CA ILE A 208 -3.23 3.73 -10.31
C ILE A 208 -4.55 3.02 -10.05
N TRP A 209 -4.65 1.78 -10.48
CA TRP A 209 -5.81 0.95 -10.15
C TRP A 209 -6.05 0.86 -8.64
N SER A 210 -4.96 0.66 -7.92
CA SER A 210 -5.05 0.43 -6.49
C SER A 210 -5.52 1.70 -5.78
N VAL A 211 -5.02 2.84 -6.26
CA VAL A 211 -5.33 4.15 -5.70
C VAL A 211 -6.76 4.46 -5.99
N GLY A 212 -7.23 3.97 -7.13
CA GLY A 212 -8.63 4.10 -7.52
C GLY A 212 -9.49 3.27 -6.60
N CYS A 213 -9.02 2.07 -6.24
CA CYS A 213 -9.80 1.23 -5.31
C CYS A 213 -9.86 1.89 -3.97
N ILE A 214 -8.75 2.51 -3.57
CA ILE A 214 -8.70 3.11 -2.24
C ILE A 214 -9.65 4.31 -2.23
N MET A 215 -9.45 5.20 -3.20
CA MET A 215 -10.32 6.36 -3.31
C MET A 215 -11.80 5.98 -3.23
N GLY A 216 -12.18 4.91 -3.92
CA GLY A 216 -13.59 4.49 -3.99
C GLY A 216 -14.15 4.06 -2.65
N GLU A 217 -13.34 3.31 -1.91
CA GLU A 217 -13.71 2.80 -0.61
C GLU A 217 -13.92 3.98 0.35
N MET A 218 -13.18 5.07 0.11
CA MET A 218 -13.27 6.28 0.93
C MET A 218 -14.63 6.89 0.81
N VAL A 219 -15.18 6.79 -0.40
CA VAL A 219 -16.54 7.28 -0.73
C VAL A 219 -17.66 6.29 -0.32
N ARG A 220 -17.44 5.01 -0.58
CA ARG A 220 -18.50 4.04 -0.57
C ARG A 220 -18.54 3.32 0.75
N HIS A 221 -17.40 3.30 1.44
CA HIS A 221 -17.26 2.66 2.75
C HIS A 221 -17.52 1.15 2.71
N LYS A 222 -17.18 0.55 1.58
CA LYS A 222 -17.22 -0.89 1.37
C LYS A 222 -16.17 -1.24 0.35
N ILE A 223 -15.54 -2.38 0.55
CA ILE A 223 -14.51 -2.84 -0.38
C ILE A 223 -15.12 -2.96 -1.79
N LEU A 224 -14.60 -2.16 -2.73
CA LEU A 224 -15.07 -2.18 -4.12
C LEU A 224 -15.13 -3.57 -4.73
N PHE A 225 -14.05 -4.35 -4.63
CA PHE A 225 -14.01 -5.66 -5.29
C PHE A 225 -13.66 -6.84 -4.40
N PRO A 226 -14.54 -7.17 -3.43
CA PRO A 226 -14.26 -8.29 -2.48
C PRO A 226 -14.36 -9.67 -3.11
N GLY A 227 -13.81 -10.68 -2.45
CA GLY A 227 -13.99 -12.05 -2.90
C GLY A 227 -13.16 -13.05 -2.14
N ARG A 228 -13.64 -14.29 -2.06
CA ARG A 228 -12.89 -15.37 -1.44
C ARG A 228 -11.56 -15.57 -2.16
N ASP A 229 -11.55 -15.32 -3.47
CA ASP A 229 -10.36 -15.51 -4.32
C ASP A 229 -10.50 -14.65 -5.57
N TYR A 230 -9.58 -14.83 -6.51
CA TYR A 230 -9.57 -14.07 -7.75
C TYR A 230 -10.77 -14.33 -8.66
N ILE A 231 -11.40 -15.49 -8.54
CA ILE A 231 -12.64 -15.80 -9.30
C ILE A 231 -13.78 -14.83 -8.93
N ASP A 232 -14.17 -14.83 -7.65
CA ASP A 232 -15.16 -13.89 -7.08
C ASP A 232 -14.75 -12.45 -7.34
N GLN A 233 -13.46 -12.16 -7.12
CA GLN A 233 -12.93 -10.83 -7.32
C GLN A 233 -13.17 -10.28 -8.71
N TRP A 234 -12.75 -11.02 -9.73
CA TRP A 234 -12.96 -10.60 -11.12
C TRP A 234 -14.44 -10.41 -11.40
N ASN A 235 -15.28 -11.27 -10.81
CA ASN A 235 -16.75 -11.15 -10.96
C ASN A 235 -17.23 -9.79 -10.48
N LYS A 236 -16.77 -9.37 -9.30
CA LYS A 236 -17.11 -8.06 -8.79
C LYS A 236 -16.65 -6.96 -9.73
N VAL A 237 -15.54 -7.17 -10.41
CA VAL A 237 -14.99 -6.13 -11.29
C VAL A 237 -15.86 -5.95 -12.54
N ILE A 238 -16.30 -7.08 -13.10
CA ILE A 238 -17.07 -7.02 -14.35
C ILE A 238 -18.53 -6.57 -14.18
N GLU A 239 -19.17 -6.91 -13.08
CA GLU A 239 -20.54 -6.45 -12.79
C GLU A 239 -20.64 -4.93 -12.73
N GLN A 240 -19.67 -4.31 -12.07
CA GLN A 240 -19.72 -2.90 -11.81
C GLN A 240 -19.15 -2.14 -12.97
N LEU A 241 -18.08 -2.66 -13.56
CA LEU A 241 -17.43 -1.91 -14.63
C LEU A 241 -17.81 -2.43 -16.01
N GLY A 242 -18.37 -3.63 -16.05
CA GLY A 242 -18.73 -4.26 -17.30
C GLY A 242 -17.56 -4.98 -17.94
N THR A 243 -17.90 -6.02 -18.69
CA THR A 243 -16.94 -6.76 -19.48
C THR A 243 -16.13 -5.77 -20.32
N PRO A 244 -14.79 -5.88 -20.27
CA PRO A 244 -13.92 -5.05 -21.10
C PRO A 244 -14.09 -5.27 -22.60
N CYS A 245 -13.62 -4.31 -23.39
CA CYS A 245 -13.66 -4.36 -24.84
C CYS A 245 -12.65 -5.36 -25.45
N PRO A 246 -12.89 -5.80 -26.70
CA PRO A 246 -12.08 -6.78 -27.46
C PRO A 246 -10.55 -6.59 -27.51
N GLU A 247 -10.07 -5.34 -27.66
CA GLU A 247 -8.62 -5.08 -27.80
C GLU A 247 -7.86 -5.36 -26.49
N PHE A 248 -8.60 -5.33 -25.38
CA PHE A 248 -8.06 -5.70 -24.07
C PHE A 248 -7.86 -7.22 -24.00
N MET A 249 -8.87 -7.98 -24.42
CA MET A 249 -8.84 -9.45 -24.50
C MET A 249 -7.66 -9.95 -25.33
N LYS A 250 -7.46 -9.30 -26.48
CA LYS A 250 -6.40 -9.64 -27.44
C LYS A 250 -4.98 -9.59 -26.84
N LYS A 251 -4.88 -9.13 -25.60
CA LYS A 251 -3.59 -9.03 -24.92
C LYS A 251 -3.50 -10.01 -23.72
N LEU A 252 -4.51 -10.86 -23.59
CA LEU A 252 -4.51 -11.94 -22.60
C LEU A 252 -4.01 -13.24 -23.22
N GLN A 253 -3.14 -13.94 -22.50
CA GLN A 253 -2.62 -15.22 -22.99
C GLN A 253 -3.71 -16.28 -23.16
N PRO A 254 -3.57 -17.12 -24.20
CA PRO A 254 -4.55 -18.11 -24.64
C PRO A 254 -5.47 -18.61 -23.54
N THR A 255 -4.88 -19.12 -22.47
CA THR A 255 -5.64 -19.79 -21.42
C THR A 255 -6.47 -18.86 -20.53
N VAL A 256 -5.90 -17.72 -20.15
CA VAL A 256 -6.60 -16.74 -19.33
C VAL A 256 -7.66 -16.04 -20.17
N ARG A 257 -7.29 -15.76 -21.42
CA ARG A 257 -8.19 -15.15 -22.39
C ARG A 257 -9.47 -15.98 -22.52
N ASN A 258 -9.32 -17.29 -22.64
CA ASN A 258 -10.44 -18.22 -22.72
C ASN A 258 -11.41 -18.10 -21.53
N TYR A 259 -10.86 -18.13 -20.31
CA TYR A 259 -11.65 -17.94 -19.07
C TYR A 259 -12.40 -16.60 -19.04
N VAL A 260 -11.72 -15.51 -19.40
CA VAL A 260 -12.31 -14.16 -19.35
C VAL A 260 -13.52 -14.02 -20.29
N GLU A 261 -13.33 -14.36 -21.58
CA GLU A 261 -14.39 -14.32 -22.61
C GLU A 261 -15.60 -15.21 -22.30
N ASN A 262 -15.39 -16.23 -21.47
CA ASN A 262 -16.44 -17.20 -21.11
C ASN A 262 -17.23 -16.98 -19.81
N ARG A 263 -16.94 -15.89 -19.10
CA ARG A 263 -17.76 -15.53 -17.94
C ARG A 263 -19.05 -14.89 -18.46
N PRO A 264 -20.17 -15.00 -17.71
CA PRO A 264 -21.37 -14.29 -18.16
C PRO A 264 -21.00 -12.82 -18.35
N LYS A 265 -21.28 -12.27 -19.52
CA LYS A 265 -20.94 -10.87 -19.82
C LYS A 265 -21.94 -9.84 -19.27
N TYR A 266 -21.43 -8.84 -18.55
CA TYR A 266 -22.24 -7.76 -17.96
C TYR A 266 -22.05 -6.45 -18.74
N ALA A 267 -23.02 -5.56 -18.64
CA ALA A 267 -23.00 -4.27 -19.35
C ALA A 267 -22.21 -3.20 -18.60
N GLY A 268 -22.26 -3.28 -17.27
CA GLY A 268 -21.50 -2.40 -16.42
C GLY A 268 -22.07 -1.01 -16.15
N LEU A 269 -22.44 -0.80 -14.89
CA LEU A 269 -22.98 0.46 -14.38
C LEU A 269 -22.08 1.65 -14.73
N THR A 270 -22.68 2.83 -14.86
CA THR A 270 -21.91 4.05 -15.08
C THR A 270 -21.41 4.52 -13.72
N PHE A 271 -20.54 5.53 -13.71
CA PHE A 271 -19.95 6.00 -12.48
C PHE A 271 -20.85 6.80 -11.55
N PRO A 272 -21.77 7.64 -12.10
CA PRO A 272 -22.80 8.21 -11.23
C PRO A 272 -23.64 7.18 -10.50
N LYS A 273 -23.91 6.05 -11.13
CA LYS A 273 -24.67 4.98 -10.48
C LYS A 273 -23.81 4.27 -9.44
N LEU A 274 -22.52 4.12 -9.74
CA LEU A 274 -21.59 3.44 -8.85
C LEU A 274 -21.28 4.30 -7.62
N PHE A 275 -21.30 5.62 -7.80
CA PHE A 275 -21.05 6.56 -6.73
C PHE A 275 -22.08 7.70 -6.75
N PRO A 276 -23.33 7.39 -6.36
CA PRO A 276 -24.40 8.38 -6.34
C PRO A 276 -24.04 9.62 -5.54
N ASP A 277 -24.59 10.77 -5.93
CA ASP A 277 -24.36 12.03 -5.24
C ASP A 277 -24.54 11.92 -3.73
N SER A 278 -25.46 11.05 -3.32
CA SER A 278 -25.75 10.74 -1.90
C SER A 278 -24.48 10.63 -1.06
N LEU A 279 -23.48 9.95 -1.61
CA LEU A 279 -22.26 9.67 -0.87
C LEU A 279 -21.30 10.87 -0.86
N PHE A 280 -21.74 12.00 -1.40
CA PHE A 280 -20.94 13.23 -1.36
C PHE A 280 -21.66 14.38 -0.63
N PRO A 281 -20.89 15.27 0.01
CA PRO A 281 -21.45 16.54 0.50
C PRO A 281 -22.04 17.41 -0.63
N ALA A 282 -23.31 17.79 -0.49
CA ALA A 282 -23.97 18.66 -1.47
C ALA A 282 -24.47 19.98 -0.86
N ASP A 283 -23.90 20.34 0.29
CA ASP A 283 -24.31 21.54 1.03
C ASP A 283 -23.81 22.88 0.44
N SER A 284 -22.83 22.82 -0.46
CA SER A 284 -22.35 24.05 -1.12
C SER A 284 -21.90 23.78 -2.55
N GLU A 285 -21.64 24.85 -3.30
CA GLU A 285 -21.19 24.77 -4.69
C GLU A 285 -19.81 24.14 -4.80
N HIS A 286 -18.91 24.51 -3.88
CA HIS A 286 -17.55 23.97 -3.83
C HIS A 286 -17.60 22.45 -3.82
N ASN A 287 -18.35 21.91 -2.86
CA ASN A 287 -18.50 20.48 -2.69
C ASN A 287 -19.21 19.82 -3.86
N LYS A 288 -20.14 20.54 -4.48
CA LYS A 288 -20.81 20.04 -5.67
C LYS A 288 -19.81 19.93 -6.82
N LEU A 289 -18.97 20.94 -6.99
CA LEU A 289 -17.97 20.87 -8.04
C LEU A 289 -16.99 19.76 -7.72
N LYS A 290 -16.54 19.71 -6.47
CA LYS A 290 -15.59 18.71 -6.00
C LYS A 290 -16.11 17.29 -6.18
N ALA A 291 -17.39 17.06 -5.94
CA ALA A 291 -17.93 15.73 -6.19
C ALA A 291 -17.78 15.39 -7.67
N SER A 292 -18.23 16.28 -8.53
CA SER A 292 -18.12 16.06 -9.97
C SER A 292 -16.70 15.66 -10.40
N GLN A 293 -15.70 16.38 -9.90
CA GLN A 293 -14.29 16.14 -10.21
C GLN A 293 -13.79 14.84 -9.62
N ALA A 294 -14.26 14.53 -8.42
CA ALA A 294 -13.85 13.31 -7.77
C ALA A 294 -14.38 12.16 -8.62
N ARG A 295 -15.68 12.19 -8.89
CA ARG A 295 -16.30 11.11 -9.63
C ARG A 295 -15.65 10.97 -11.00
N ASP A 296 -15.16 12.07 -11.56
CA ASP A 296 -14.51 12.01 -12.88
C ASP A 296 -13.18 11.28 -12.79
N LEU A 297 -12.40 11.54 -11.74
CA LEU A 297 -11.10 10.86 -11.56
C LEU A 297 -11.26 9.37 -11.24
N LEU A 298 -12.19 9.02 -10.35
CA LEU A 298 -12.49 7.63 -10.12
C LEU A 298 -12.68 6.85 -11.44
N SER A 299 -13.30 7.46 -12.44
CA SER A 299 -13.63 6.76 -13.70
C SER A 299 -12.49 6.71 -14.70
N LYS A 300 -11.39 7.36 -14.35
CA LYS A 300 -10.17 7.27 -15.12
C LYS A 300 -9.22 6.31 -14.43
N MET A 301 -9.41 6.16 -13.12
CA MET A 301 -8.58 5.24 -12.37
C MET A 301 -9.16 3.84 -12.46
N LEU A 302 -10.47 3.76 -12.32
CA LEU A 302 -11.15 2.47 -12.28
C LEU A 302 -11.47 2.00 -13.68
N VAL A 303 -10.42 1.84 -14.47
CA VAL A 303 -10.55 1.40 -15.84
C VAL A 303 -9.75 0.13 -15.93
N ILE A 304 -10.41 -0.93 -16.42
CA ILE A 304 -9.82 -2.26 -16.54
C ILE A 304 -8.61 -2.28 -17.49
N ASP A 305 -8.73 -1.68 -18.66
CA ASP A 305 -7.67 -1.76 -19.64
C ASP A 305 -6.58 -0.71 -19.39
N PRO A 306 -5.37 -1.16 -18.98
CA PRO A 306 -4.23 -0.27 -18.75
C PRO A 306 -3.98 0.72 -19.88
N ALA A 307 -4.27 0.33 -21.12
CA ALA A 307 -4.09 1.24 -22.24
C ALA A 307 -4.97 2.48 -22.10
N LYS A 308 -6.14 2.31 -21.47
CA LYS A 308 -7.14 3.38 -21.30
C LYS A 308 -7.27 3.89 -19.86
N ARG A 309 -6.43 3.37 -18.96
CA ARG A 309 -6.38 3.84 -17.57
C ARG A 309 -5.38 5.02 -17.49
N ILE A 310 -5.71 6.00 -16.64
CA ILE A 310 -4.96 7.24 -16.46
C ILE A 310 -3.56 6.97 -15.86
N SER A 311 -2.58 7.76 -16.30
CA SER A 311 -1.18 7.67 -15.86
C SER A 311 -1.05 8.46 -14.57
N VAL A 312 0.04 8.22 -13.83
CA VAL A 312 0.29 8.88 -12.55
C VAL A 312 0.44 10.40 -12.76
N ASP A 313 1.22 10.77 -13.77
CA ASP A 313 1.53 12.16 -14.07
C ASP A 313 0.28 12.95 -14.42
N ASP A 314 -0.65 12.29 -15.09
CA ASP A 314 -1.91 12.89 -15.47
C ASP A 314 -2.84 13.05 -14.28
N ALA A 315 -2.90 12.02 -13.43
CA ALA A 315 -3.75 12.04 -12.21
C ALA A 315 -3.30 13.15 -11.30
N LEU A 316 -1.99 13.38 -11.27
CA LEU A 316 -1.43 14.50 -10.52
C LEU A 316 -1.89 15.84 -11.14
N GLN A 317 -2.32 15.79 -12.40
CA GLN A 317 -2.78 16.97 -13.13
C GLN A 317 -4.25 17.20 -12.98
N HIS A 318 -4.98 16.14 -12.62
CA HIS A 318 -6.42 16.23 -12.45
C HIS A 318 -6.74 17.39 -11.51
N PRO A 319 -7.81 18.16 -11.81
CA PRO A 319 -8.25 19.29 -11.01
C PRO A 319 -8.61 18.92 -9.58
N TYR A 320 -9.05 17.69 -9.38
CA TYR A 320 -9.34 17.21 -8.04
C TYR A 320 -8.04 17.16 -7.24
N ILE A 321 -6.94 16.84 -7.94
CA ILE A 321 -5.64 16.66 -7.32
C ILE A 321 -4.71 17.87 -7.44
N ASN A 322 -4.67 18.52 -8.61
CA ASN A 322 -3.68 19.59 -8.85
C ASN A 322 -3.68 20.76 -7.87
N VAL A 323 -4.73 20.87 -7.08
CA VAL A 323 -4.88 21.90 -6.05
C VAL A 323 -3.67 21.89 -5.07
N TRP A 324 -3.01 20.74 -4.95
CA TRP A 324 -1.93 20.54 -3.95
C TRP A 324 -0.49 20.62 -4.45
N TYR A 325 -0.30 20.61 -5.78
CA TYR A 325 1.03 20.78 -6.38
C TYR A 325 1.66 22.08 -5.90
N HIS A 347 20.41 -17.11 -1.68
CA HIS A 347 19.25 -17.87 -2.16
C HIS A 347 18.71 -19.02 -1.25
N THR A 348 19.54 -19.61 -0.39
CA THR A 348 19.06 -20.63 0.58
C THR A 348 18.93 -20.06 1.98
N ILE A 349 18.20 -20.74 2.85
CA ILE A 349 18.00 -20.25 4.21
C ILE A 349 19.32 -19.78 4.84
N GLU A 350 20.39 -20.54 4.63
CA GLU A 350 21.73 -20.20 5.10
C GLU A 350 22.27 -18.92 4.46
N GLU A 351 22.08 -18.81 3.15
CA GLU A 351 22.64 -17.72 2.36
C GLU A 351 21.99 -16.37 2.63
N TRP A 352 20.65 -16.39 2.71
CA TRP A 352 19.85 -15.21 3.00
C TRP A 352 20.18 -14.65 4.36
N LYS A 353 20.32 -15.54 5.33
CA LYS A 353 20.69 -15.15 6.68
C LYS A 353 21.87 -14.19 6.63
N GLU A 354 22.91 -14.57 5.87
CA GLU A 354 24.13 -13.78 5.77
C GLU A 354 23.96 -12.47 5.01
N LEU A 355 23.21 -12.55 3.92
CA LEU A 355 22.96 -11.38 3.09
C LEU A 355 22.31 -10.30 3.94
N ILE A 356 21.28 -10.72 4.69
CA ILE A 356 20.52 -9.84 5.57
C ILE A 356 21.40 -9.28 6.68
N TYR A 357 22.14 -10.19 7.31
CA TYR A 357 23.01 -9.85 8.41
C TYR A 357 23.96 -8.73 8.00
N LYS A 358 24.60 -8.92 6.84
CA LYS A 358 25.51 -7.92 6.32
C LYS A 358 24.82 -6.56 6.26
N GLU A 359 23.59 -6.57 5.75
CA GLU A 359 22.81 -5.34 5.60
C GLU A 359 22.39 -4.71 6.94
N VAL A 360 22.14 -5.55 7.94
CA VAL A 360 21.85 -5.08 9.31
C VAL A 360 23.15 -4.54 9.92
N MET A 361 24.28 -5.16 9.54
CA MET A 361 25.62 -4.71 9.98
C MET A 361 25.92 -3.34 9.40
N ASN A 362 26.03 -3.27 8.08
CA ASN A 362 26.05 -1.99 7.36
C ASN A 362 25.24 -0.88 8.04
F19 738 B . 7.43 0.59 12.19
C16 738 B . 7.74 0.14 10.97
C18 738 B . 9.06 0.13 10.59
C21 738 B . 9.44 -0.31 9.33
C20 738 B . 8.48 -0.77 8.45
C17 738 B . 7.14 -0.77 8.82
C14 738 B . 6.76 -0.31 10.08
C13 738 B . 5.31 -0.32 10.42
O15 738 B . 4.66 -1.29 10.13
N10 738 B . 4.76 0.79 11.06
C5 738 B . 3.41 1.01 11.48
C2 738 B . 2.90 2.18 12.00
C6 738 B . 3.66 3.38 12.19
N11 738 B . 4.32 4.33 12.29
S7 738 B . 2.23 -0.09 11.46
C3 738 B . 1.05 0.81 12.04
C8 738 B . -0.37 0.36 12.26
C12 738 B . -1.29 1.57 12.47
C9 738 B . -0.68 2.62 13.43
C4 738 B . 0.67 3.17 12.92
C1 738 B . 1.55 2.07 12.33
#